data_6CC3
#
_entry.id   6CC3
#
_cell.length_a   125.531
_cell.length_b   68.288
_cell.length_c   83.384
_cell.angle_alpha   90.00
_cell.angle_beta   97.96
_cell.angle_gamma   90.00
#
_symmetry.space_group_name_H-M   'C 1 2 1'
#
loop_
_entity.id
_entity.type
_entity.pdbx_description
1 polymer 'RNA (101-MER)'
2 non-polymer 'CADMIUM ION'
3 non-polymer 'MAGNESIUM ION'
4 non-polymer "GUANOSINE-5'-TRIPHOSPHATE"
5 water water
#
_entity_poly.entity_id   1
_entity_poly.type   'polyribonucleotide'
_entity_poly.pdbx_seq_one_letter_code
;GAAAGGGGAGUAGCGUCGGGAAACCGAAACAAAGUCGACAUACUGUGAGGAAACUCACCGGCUUUGUUGACAUACGAAAG
UAUGUUUAGCAAGACCUUUCC
;
_entity_poly.pdbx_strand_id   A,B
#